data_7YTN
#
_entry.id   7YTN
#
_cell.length_a   155.957
_cell.length_b   155.957
_cell.length_c   166.680
_cell.angle_alpha   90.000
_cell.angle_beta   90.000
_cell.angle_gamma   120.000
#
_symmetry.space_group_name_H-M   'P 61 2 2'
#
loop_
_entity.id
_entity.type
_entity.pdbx_description
1 polymer 'Heavy chain of Fab'
2 polymer 'Light chain of Fab'
3 polymer 'Spike protein S1'
#
loop_
_entity_poly.entity_id
_entity_poly.type
_entity_poly.pdbx_seq_one_letter_code
_entity_poly.pdbx_strand_id
1 'polypeptide(L)'
;MEWSWVFLFFLSVTTGVLSQVQLQQSGAEVKKPGSSVKVSCKASGGTFGNWSISWVRQAPGQGLEWMGGIAPGRGEATYA
QKFQGRVTITTDESTSTAYMELSSLRSEDTAVYYCARETWYTSGGMDVWGQGTTVTVSSASTKGPSVFPLAPSSKSTSGG
TAALGCLVKDYFPEPVTVSWNSGALTSGVHTFPAVLQSSGLYSLSSVVTVPSSSLGTQTYICNVNHKPSNTKVDKKVEP
;
H
2 'polypeptide(L)'
;MGIKMETHSQVFVYMLLWLSGVEGSYELTQPPSVSVAPGKTARITCGGNNIGRKSVHWYQQKPGQAPVLVVYDDSDRPSG
IPERFSGSNSGNTATLTISRVEAGDEADYYCQVYDLWSSDYVFGTGTKVEIKRTVAAPSVFIFPPSDEQLKSGTASVVCL
LNNFYPREAKVQWKVDNALQSGNSQESVTEQDSKDSTYSLSSTLTLSKADYEKHKVYACEVTHQGLSSPVTKSFNRGEC
;
L
3 'polypeptide(L)'
;MVLVNQSHQGFNKEHTSKMVSAIVLYVLLAAAAHSAFAARVQPTESIVRFPNITNLCPFGEVFNATRFASVYAWNRKRIS
NCVADYSVLYNSASFSTFKCYGVSPTKLNDLCFTNVYADSFVIRGDEVRQIAPGQTGKIADYNYKLPDDFTGCVIAWNSN
NLDSKVGGNYNYLYRLFRKSNLKPFERDISTEIYQAGSTPCNGVEGFNCYFPLQSYGFQPTYGVGYQPYRVVVLSFELLH
APATVCGPKKSTNLVKNKCVNF
;
C
#
# COMPACT_ATOMS: atom_id res chain seq x y z
N VAL A 21 0.47 14.30 -16.50
CA VAL A 21 -0.24 13.13 -16.02
C VAL A 21 -0.21 13.06 -14.50
N GLN A 22 -1.38 13.22 -13.88
CA GLN A 22 -1.49 13.23 -12.44
C GLN A 22 -2.92 12.85 -12.05
N LEU A 23 -3.06 12.06 -10.99
CA LEU A 23 -4.36 11.59 -10.54
C LEU A 23 -4.86 12.45 -9.38
N GLN A 24 -6.16 12.71 -9.38
CA GLN A 24 -6.82 13.49 -8.35
C GLN A 24 -8.02 12.72 -7.83
N GLN A 25 -8.14 12.61 -6.51
CA GLN A 25 -9.19 11.83 -5.87
C GLN A 25 -10.23 12.76 -5.25
N SER A 26 -11.31 12.15 -4.77
CA SER A 26 -12.39 12.88 -4.14
C SER A 26 -12.02 13.26 -2.70
N GLY A 27 -12.88 14.08 -2.09
CA GLY A 27 -12.65 14.51 -0.73
C GLY A 27 -12.99 13.44 0.29
N ALA A 28 -12.50 13.66 1.51
CA ALA A 28 -12.75 12.72 2.60
C ALA A 28 -14.23 12.66 2.92
N GLU A 29 -14.70 11.47 3.27
CA GLU A 29 -16.11 11.25 3.55
C GLU A 29 -16.28 10.60 4.93
N VAL A 30 -17.45 10.80 5.51
CA VAL A 30 -17.82 10.23 6.80
C VAL A 30 -19.15 9.51 6.59
N LYS A 31 -19.10 8.20 6.37
CA LYS A 31 -20.29 7.39 6.15
C LYS A 31 -20.57 6.54 7.38
N LYS A 32 -21.83 6.50 7.78
CA LYS A 32 -22.22 5.70 8.94
C LYS A 32 -21.97 4.22 8.65
N PRO A 33 -21.75 3.41 9.69
CA PRO A 33 -21.43 1.99 9.46
C PRO A 33 -22.56 1.26 8.77
N GLY A 34 -22.18 0.26 7.96
CA GLY A 34 -23.13 -0.53 7.21
C GLY A 34 -23.63 0.13 5.93
N SER A 35 -23.16 1.31 5.59
CA SER A 35 -23.63 2.04 4.43
C SER A 35 -22.77 1.67 3.22
N SER A 36 -22.77 2.52 2.19
CA SER A 36 -21.96 2.32 1.00
C SER A 36 -21.42 3.68 0.57
N VAL A 37 -20.20 3.68 0.05
CA VAL A 37 -19.51 4.91 -0.35
C VAL A 37 -19.00 4.76 -1.77
N LYS A 38 -19.01 5.87 -2.51
CA LYS A 38 -18.47 5.93 -3.86
C LYS A 38 -17.28 6.88 -3.87
N VAL A 39 -16.17 6.42 -4.44
CA VAL A 39 -14.92 7.17 -4.47
C VAL A 39 -14.54 7.40 -5.92
N SER A 40 -14.32 8.67 -6.28
CA SER A 40 -13.98 9.05 -7.64
C SER A 40 -12.49 9.30 -7.78
N CYS A 41 -11.95 8.96 -8.95
CA CYS A 41 -10.54 9.15 -9.27
C CYS A 41 -10.45 9.70 -10.68
N LYS A 42 -10.22 11.01 -10.80
CA LYS A 42 -10.19 11.68 -12.08
C LYS A 42 -8.75 11.91 -12.51
N ALA A 43 -8.46 11.62 -13.78
CA ALA A 43 -7.15 11.90 -14.34
C ALA A 43 -7.09 13.35 -14.80
N SER A 44 -5.99 14.03 -14.46
CA SER A 44 -5.85 15.44 -14.82
C SER A 44 -5.67 15.60 -16.33
N GLY A 45 -4.91 14.71 -16.95
CA GLY A 45 -4.59 14.84 -18.36
C GLY A 45 -5.71 14.44 -19.29
N GLY A 46 -6.78 15.23 -19.33
CA GLY A 46 -7.90 14.98 -20.21
C GLY A 46 -8.59 13.65 -19.98
N THR A 47 -8.14 12.62 -20.70
CA THR A 47 -8.71 11.29 -20.60
C THR A 47 -7.69 10.32 -19.99
N PHE A 48 -8.21 9.19 -19.50
CA PHE A 48 -7.35 8.14 -18.96
C PHE A 48 -6.47 7.51 -20.04
N GLY A 49 -6.74 7.77 -21.31
CA GLY A 49 -5.99 7.15 -22.37
C GLY A 49 -6.13 5.65 -22.35
N ASN A 50 -5.04 4.96 -22.69
CA ASN A 50 -5.04 3.51 -22.70
C ASN A 50 -4.25 2.97 -21.52
N TRP A 51 -4.53 3.50 -20.32
CA TRP A 51 -3.93 3.05 -19.07
C TRP A 51 -4.95 2.26 -18.27
N SER A 52 -4.46 1.64 -17.19
CA SER A 52 -5.29 0.89 -16.26
C SER A 52 -5.00 1.36 -14.85
N ILE A 53 -6.06 1.50 -14.05
CA ILE A 53 -5.98 2.05 -12.71
C ILE A 53 -6.33 0.96 -11.71
N SER A 54 -5.54 0.85 -10.65
CA SER A 54 -5.79 -0.07 -9.57
C SER A 54 -6.10 0.70 -8.28
N TRP A 55 -6.84 0.05 -7.38
CA TRP A 55 -7.23 0.64 -6.11
C TRP A 55 -6.48 -0.04 -4.98
N VAL A 56 -5.89 0.78 -4.10
CA VAL A 56 -5.14 0.28 -2.95
C VAL A 56 -5.53 1.09 -1.73
N ARG A 57 -5.91 0.41 -0.65
CA ARG A 57 -6.31 1.05 0.58
C ARG A 57 -5.24 0.83 1.66
N GLN A 58 -5.32 1.63 2.71
CA GLN A 58 -4.35 1.56 3.81
C GLN A 58 -5.06 1.93 5.10
N ALA A 59 -5.25 0.95 5.97
CA ALA A 59 -5.85 1.18 7.27
C ALA A 59 -4.96 2.09 8.11
N PRO A 60 -5.54 2.82 9.08
CA PRO A 60 -4.74 3.74 9.89
C PRO A 60 -3.61 3.02 10.62
N GLY A 61 -2.38 3.44 10.33
CA GLY A 61 -1.23 2.83 10.96
C GLY A 61 -0.91 1.43 10.49
N GLN A 62 -1.40 1.03 9.32
CA GLN A 62 -1.14 -0.31 8.81
C GLN A 62 -0.56 -0.26 7.41
N GLY A 63 -0.54 -1.40 6.72
CA GLY A 63 0.12 -1.51 5.43
C GLY A 63 -0.81 -1.27 4.25
N LEU A 64 -0.23 -1.38 3.06
CA LEU A 64 -0.99 -1.22 1.83
C LEU A 64 -1.71 -2.52 1.47
N GLU A 65 -2.90 -2.38 0.88
CA GLU A 65 -3.75 -3.51 0.59
C GLU A 65 -4.41 -3.32 -0.76
N TRP A 66 -4.29 -4.31 -1.64
CA TRP A 66 -4.84 -4.24 -2.98
C TRP A 66 -6.27 -4.73 -2.97
N MET A 67 -7.18 -3.93 -3.54
CA MET A 67 -8.59 -4.27 -3.62
C MET A 67 -9.00 -4.75 -5.00
N GLY A 68 -8.57 -4.06 -6.05
CA GLY A 68 -8.92 -4.46 -7.39
C GLY A 68 -8.24 -3.58 -8.41
N GLY A 69 -8.83 -3.53 -9.59
CA GLY A 69 -8.30 -2.72 -10.67
C GLY A 69 -9.26 -2.70 -11.84
N ILE A 70 -9.03 -1.75 -12.74
CA ILE A 70 -9.89 -1.59 -13.92
C ILE A 70 -9.07 -0.98 -15.04
N ALA A 71 -9.34 -1.42 -16.27
CA ALA A 71 -8.79 -0.79 -17.47
C ALA A 71 -9.91 0.00 -18.14
N PRO A 72 -10.00 1.32 -17.91
CA PRO A 72 -11.15 2.07 -18.43
C PRO A 72 -11.30 2.03 -19.94
N GLY A 73 -10.24 1.66 -20.68
CA GLY A 73 -10.34 1.59 -22.12
C GLY A 73 -10.92 0.29 -22.64
N ARG A 74 -10.95 -0.76 -21.82
CA ARG A 74 -11.47 -2.05 -22.25
C ARG A 74 -12.69 -2.49 -21.45
N GLY A 75 -13.14 -1.68 -20.49
CA GLY A 75 -14.36 -1.97 -19.76
C GLY A 75 -14.33 -3.22 -18.91
N GLU A 76 -13.15 -3.77 -18.64
CA GLU A 76 -13.02 -4.98 -17.84
C GLU A 76 -12.30 -4.66 -16.54
N ALA A 77 -12.88 -5.09 -15.42
CA ALA A 77 -12.32 -4.87 -14.09
C ALA A 77 -12.16 -6.20 -13.37
N THR A 78 -11.07 -6.32 -12.62
CA THR A 78 -10.80 -7.49 -11.81
C THR A 78 -10.60 -7.08 -10.36
N TYR A 79 -11.07 -7.91 -9.44
CA TYR A 79 -11.01 -7.62 -8.02
C TYR A 79 -10.16 -8.68 -7.30
N ALA A 80 -9.53 -8.26 -6.21
CA ALA A 80 -8.78 -9.19 -5.38
C ALA A 80 -9.74 -10.18 -4.71
N GLN A 81 -9.22 -11.38 -4.44
CA GLN A 81 -10.07 -12.43 -3.88
C GLN A 81 -10.63 -12.04 -2.52
N LYS A 82 -9.88 -11.26 -1.74
CA LYS A 82 -10.39 -10.84 -0.43
C LYS A 82 -11.58 -9.90 -0.58
N PHE A 83 -11.52 -8.98 -1.54
CA PHE A 83 -12.58 -8.00 -1.74
C PHE A 83 -13.55 -8.40 -2.84
N GLN A 84 -13.34 -9.55 -3.48
CA GLN A 84 -14.22 -9.98 -4.56
C GLN A 84 -15.61 -10.27 -4.02
N GLY A 85 -16.61 -9.57 -4.55
CA GLY A 85 -17.98 -9.71 -4.11
C GLY A 85 -18.48 -8.58 -3.22
N ARG A 86 -17.60 -7.66 -2.82
CA ARG A 86 -17.98 -6.53 -2.00
C ARG A 86 -17.74 -5.19 -2.67
N VAL A 87 -16.76 -5.09 -3.57
CA VAL A 87 -16.45 -3.84 -4.25
C VAL A 87 -17.04 -3.86 -5.65
N THR A 88 -17.21 -2.66 -6.21
CA THR A 88 -17.65 -2.50 -7.59
C THR A 88 -16.83 -1.37 -8.18
N ILE A 89 -15.98 -1.70 -9.16
CA ILE A 89 -15.08 -0.73 -9.78
C ILE A 89 -15.57 -0.50 -11.20
N THR A 90 -16.11 0.69 -11.45
CA THR A 90 -16.61 1.07 -12.77
C THR A 90 -16.13 2.46 -13.12
N THR A 91 -16.14 2.77 -14.42
CA THR A 91 -15.75 4.06 -14.94
C THR A 91 -16.78 4.55 -15.94
N ASP A 92 -16.57 5.77 -16.43
CA ASP A 92 -17.31 6.30 -17.57
C ASP A 92 -16.37 7.24 -18.31
N GLU A 93 -16.28 7.07 -19.63
CA GLU A 93 -15.32 7.84 -20.41
C GLU A 93 -15.90 9.17 -20.90
N SER A 94 -17.13 9.50 -20.53
CA SER A 94 -17.63 10.85 -20.77
C SER A 94 -16.93 11.86 -19.85
N THR A 95 -16.49 11.41 -18.68
CA THR A 95 -15.70 12.22 -17.77
C THR A 95 -14.33 11.65 -17.48
N SER A 96 -14.06 10.40 -17.84
CA SER A 96 -12.77 9.74 -17.62
C SER A 96 -12.41 9.77 -16.13
N THR A 97 -13.30 9.24 -15.31
CA THR A 97 -13.13 9.18 -13.87
C THR A 97 -13.39 7.76 -13.39
N ALA A 98 -12.42 7.19 -12.68
CA ALA A 98 -12.59 5.85 -12.12
C ALA A 98 -13.37 5.92 -10.82
N TYR A 99 -14.22 4.93 -10.58
CA TYR A 99 -15.05 4.88 -9.39
C TYR A 99 -14.83 3.56 -8.66
N MET A 100 -14.89 3.63 -7.33
CA MET A 100 -14.80 2.46 -6.47
C MET A 100 -15.93 2.56 -5.43
N GLU A 101 -16.82 1.59 -5.44
CA GLU A 101 -17.97 1.56 -4.53
C GLU A 101 -17.81 0.38 -3.58
N LEU A 102 -17.75 0.67 -2.28
CA LEU A 102 -17.57 -0.32 -1.24
C LEU A 102 -18.84 -0.40 -0.42
N SER A 103 -19.54 -1.52 -0.51
CA SER A 103 -20.79 -1.72 0.22
C SER A 103 -20.53 -2.45 1.54
N SER A 104 -21.51 -2.36 2.44
CA SER A 104 -21.44 -2.97 3.76
C SER A 104 -20.20 -2.48 4.52
N LEU A 105 -20.15 -1.17 4.75
CA LEU A 105 -19.01 -0.57 5.43
C LEU A 105 -18.97 -1.00 6.88
N ARG A 106 -17.77 -1.37 7.35
CA ARG A 106 -17.57 -1.84 8.71
C ARG A 106 -16.48 -1.01 9.37
N SER A 107 -16.42 -1.10 10.70
CA SER A 107 -15.51 -0.25 11.48
C SER A 107 -14.06 -0.45 11.07
N GLU A 108 -13.71 -1.63 10.55
CA GLU A 108 -12.35 -1.89 10.09
C GLU A 108 -12.11 -1.41 8.66
N ASP A 109 -13.16 -1.02 7.93
CA ASP A 109 -12.98 -0.51 6.57
C ASP A 109 -12.53 0.95 6.54
N THR A 110 -12.32 1.57 7.70
CA THR A 110 -11.71 2.89 7.75
C THR A 110 -10.29 2.82 7.20
N ALA A 111 -10.01 3.59 6.16
CA ALA A 111 -8.70 3.54 5.52
C ALA A 111 -8.55 4.73 4.59
N VAL A 112 -7.31 4.97 4.17
CA VAL A 112 -7.00 5.91 3.11
C VAL A 112 -6.98 5.13 1.80
N TYR A 113 -7.87 5.49 0.88
CA TYR A 113 -8.05 4.74 -0.36
C TYR A 113 -7.33 5.45 -1.49
N TYR A 114 -6.41 4.75 -2.13
CA TYR A 114 -5.61 5.29 -3.21
C TYR A 114 -6.06 4.72 -4.55
N CYS A 115 -5.86 5.50 -5.61
CA CYS A 115 -5.95 5.01 -6.98
C CYS A 115 -4.62 5.29 -7.66
N ALA A 116 -4.05 4.27 -8.30
CA ALA A 116 -2.73 4.38 -8.89
C ALA A 116 -2.74 3.80 -10.30
N ARG A 117 -1.91 4.38 -11.16
CA ARG A 117 -1.77 3.88 -12.52
C ARG A 117 -0.93 2.61 -12.52
N GLU A 118 -1.45 1.56 -13.16
CA GLU A 118 -0.68 0.34 -13.33
C GLU A 118 0.40 0.56 -14.37
N THR A 119 1.61 0.14 -14.05
CA THR A 119 2.72 0.30 -14.98
C THR A 119 2.59 -0.66 -16.15
N TRP A 120 3.28 -0.32 -17.25
CA TRP A 120 3.36 -1.18 -18.41
C TRP A 120 4.77 -1.60 -18.76
N TYR A 121 5.78 -1.06 -18.07
CA TYR A 121 7.18 -1.34 -18.35
C TYR A 121 7.89 -1.98 -17.16
N THR A 122 7.14 -2.40 -16.15
CA THR A 122 7.73 -2.89 -14.89
C THR A 122 7.31 -4.30 -14.53
N SER A 123 6.50 -4.97 -15.34
CA SER A 123 6.05 -6.34 -15.08
C SER A 123 5.41 -6.46 -13.70
N GLY A 124 4.55 -5.50 -13.37
CA GLY A 124 3.75 -5.59 -12.16
C GLY A 124 4.06 -4.54 -11.11
N GLY A 125 3.53 -3.34 -11.28
CA GLY A 125 3.76 -2.28 -10.32
C GLY A 125 2.72 -1.20 -10.44
N MET A 126 2.97 -0.08 -9.74
CA MET A 126 2.09 1.08 -9.75
C MET A 126 2.92 2.34 -9.93
N ASP A 127 2.61 3.09 -10.99
CA ASP A 127 3.42 4.23 -11.40
C ASP A 127 3.05 5.50 -10.65
N VAL A 128 1.99 6.17 -11.08
CA VAL A 128 1.53 7.42 -10.48
C VAL A 128 0.52 7.10 -9.40
N TRP A 129 0.60 7.82 -8.28
CA TRP A 129 -0.23 7.57 -7.11
C TRP A 129 -1.11 8.78 -6.81
N GLY A 130 -2.41 8.55 -6.69
CA GLY A 130 -3.32 9.62 -6.34
C GLY A 130 -3.18 10.05 -4.88
N GLN A 131 -3.60 11.28 -4.61
CA GLN A 131 -3.38 11.88 -3.29
C GLN A 131 -3.97 11.03 -2.17
N GLY A 132 -5.14 10.44 -2.39
CA GLY A 132 -5.75 9.60 -1.39
C GLY A 132 -6.98 10.21 -0.73
N THR A 133 -8.06 9.44 -0.68
CA THR A 133 -9.29 9.85 -0.02
C THR A 133 -9.52 8.96 1.20
N THR A 134 -9.95 9.58 2.30
CA THR A 134 -10.05 8.91 3.59
C THR A 134 -11.51 8.84 4.03
N VAL A 135 -12.06 7.64 4.09
CA VAL A 135 -13.35 7.43 4.73
C VAL A 135 -13.10 7.07 6.19
N THR A 136 -14.11 7.29 7.03
CA THR A 136 -13.98 7.04 8.46
C THR A 136 -14.82 5.88 8.95
N VAL A 137 -16.00 5.67 8.40
CA VAL A 137 -16.92 4.59 8.80
C VAL A 137 -17.08 4.58 10.31
N SER A 138 -17.75 5.61 10.85
CA SER A 138 -17.97 5.73 12.27
C SER A 138 -19.39 6.22 12.53
N SER A 139 -19.99 5.72 13.60
CA SER A 139 -21.33 6.12 14.01
C SER A 139 -21.33 7.39 14.85
N ALA A 140 -20.20 8.08 14.95
CA ALA A 140 -20.11 9.29 15.76
C ALA A 140 -20.82 10.44 15.04
N SER A 141 -20.80 11.61 15.70
CA SER A 141 -21.45 12.80 15.19
C SER A 141 -20.42 13.90 14.99
N THR A 142 -20.79 14.88 14.16
CA THR A 142 -19.93 16.02 13.92
C THR A 142 -19.85 16.91 15.16
N LYS A 143 -18.66 17.45 15.43
CA LYS A 143 -18.46 18.27 16.61
C LYS A 143 -17.26 19.17 16.38
N GLY A 144 -17.35 20.41 16.88
CA GLY A 144 -16.26 21.35 16.80
C GLY A 144 -15.36 21.26 18.02
N PRO A 145 -14.06 21.51 17.82
CA PRO A 145 -13.10 21.38 18.92
C PRO A 145 -12.96 22.67 19.73
N SER A 146 -12.95 22.49 21.06
CA SER A 146 -12.66 23.59 21.97
C SER A 146 -11.17 23.68 22.21
N VAL A 147 -10.65 24.90 22.22
CA VAL A 147 -9.22 25.15 22.27
C VAL A 147 -8.87 25.68 23.66
N PHE A 148 -8.21 24.86 24.46
CA PHE A 148 -7.73 25.29 25.77
C PHE A 148 -6.23 25.57 25.71
N PRO A 149 -5.76 26.64 26.35
CA PRO A 149 -4.34 27.01 26.26
C PRO A 149 -3.47 26.18 27.18
N LEU A 150 -2.17 26.25 26.93
CA LEU A 150 -1.14 25.59 27.73
C LEU A 150 -0.09 26.64 28.07
N ALA A 151 -0.22 27.24 29.26
CA ALA A 151 0.67 28.34 29.63
C ALA A 151 1.89 27.82 30.40
N PRO A 152 3.08 28.39 30.15
CA PRO A 152 4.31 27.99 30.84
C PRO A 152 4.42 28.66 32.22
N GLY A 160 17.95 28.83 29.06
CA GLY A 160 16.65 28.30 29.42
C GLY A 160 15.55 28.66 28.43
N THR A 161 14.95 27.64 27.82
CA THR A 161 13.88 27.83 26.86
C THR A 161 12.53 27.72 27.55
N ALA A 162 11.47 27.92 26.78
CA ALA A 162 10.11 27.82 27.30
C ALA A 162 9.21 27.18 26.25
N ALA A 163 8.11 26.60 26.71
CA ALA A 163 7.18 25.91 25.84
C ALA A 163 5.76 26.27 26.21
N LEU A 164 4.93 26.52 25.20
CA LEU A 164 3.51 26.81 25.40
C LEU A 164 2.75 26.31 24.19
N GLY A 165 1.49 25.93 24.42
CA GLY A 165 0.67 25.40 23.35
C GLY A 165 -0.82 25.58 23.56
N CYS A 166 -1.62 24.97 22.69
CA CYS A 166 -3.07 24.99 22.83
C CYS A 166 -3.61 23.60 22.52
N LEU A 167 -4.41 23.07 23.44
CA LEU A 167 -4.88 21.70 23.37
C LEU A 167 -6.22 21.66 22.65
N VAL A 168 -6.27 20.94 21.53
CA VAL A 168 -7.48 20.80 20.72
C VAL A 168 -8.12 19.47 21.09
N LYS A 169 -9.35 19.52 21.62
CA LYS A 169 -9.95 18.36 22.26
C LYS A 169 -11.35 18.11 21.73
N ASP A 170 -11.69 16.82 21.60
CA ASP A 170 -13.06 16.36 21.34
C ASP A 170 -13.64 16.96 20.07
N TYR A 171 -13.30 16.38 18.92
CA TYR A 171 -13.85 16.82 17.64
C TYR A 171 -14.15 15.61 16.78
N PHE A 172 -14.65 15.86 15.58
CA PHE A 172 -14.94 14.84 14.57
C PHE A 172 -15.26 15.53 13.25
N PRO A 173 -14.69 15.08 12.13
CA PRO A 173 -13.74 13.96 12.01
C PRO A 173 -12.28 14.35 12.21
N GLU A 174 -11.38 13.54 11.64
CA GLU A 174 -9.96 13.65 11.92
C GLU A 174 -9.33 14.99 11.50
N PRO A 175 -9.51 15.48 10.27
CA PRO A 175 -8.65 16.59 9.79
C PRO A 175 -8.80 17.86 10.61
N VAL A 176 -7.70 18.30 11.20
CA VAL A 176 -7.62 19.55 11.95
C VAL A 176 -6.26 20.17 11.66
N THR A 177 -6.26 21.41 11.17
CA THR A 177 -5.03 22.13 10.83
C THR A 177 -4.82 23.23 11.86
N VAL A 178 -3.69 23.18 12.56
CA VAL A 178 -3.37 24.14 13.61
C VAL A 178 -2.17 24.96 13.15
N SER A 179 -2.31 26.29 13.15
CA SER A 179 -1.24 27.20 12.81
C SER A 179 -0.94 28.10 14.00
N TRP A 180 0.25 28.69 13.99
CA TRP A 180 0.75 29.50 15.10
C TRP A 180 0.93 30.94 14.64
N ASN A 181 0.21 31.86 15.31
CA ASN A 181 0.21 33.28 14.97
C ASN A 181 -0.13 33.48 13.49
N SER A 182 -1.02 32.63 12.98
CA SER A 182 -1.45 32.65 11.58
C SER A 182 -0.27 32.50 10.62
N GLY A 183 0.74 31.74 11.03
CA GLY A 183 1.89 31.46 10.19
C GLY A 183 3.15 32.24 10.50
N ALA A 184 3.22 32.91 11.65
CA ALA A 184 4.40 33.72 11.95
C ALA A 184 5.55 32.87 12.45
N LEU A 185 5.28 31.87 13.29
CA LEU A 185 6.32 31.00 13.83
C LEU A 185 6.00 29.55 13.50
N THR A 186 6.95 28.87 12.86
CA THR A 186 6.80 27.45 12.53
C THR A 186 8.11 26.68 12.68
N SER A 187 9.14 27.27 13.30
CA SER A 187 10.43 26.61 13.40
C SER A 187 10.39 25.47 14.41
N GLY A 188 9.99 25.77 15.65
CA GLY A 188 9.94 24.76 16.69
C GLY A 188 8.53 24.36 17.08
N VAL A 189 7.74 23.93 16.10
CA VAL A 189 6.35 23.56 16.31
C VAL A 189 6.22 22.04 16.19
N HIS A 190 5.46 21.43 17.11
CA HIS A 190 5.19 20.01 17.09
C HIS A 190 3.69 19.81 17.25
N THR A 191 3.02 19.41 16.17
CA THR A 191 1.60 19.09 16.20
C THR A 191 1.47 17.57 16.31
N PHE A 192 1.07 17.10 17.50
CA PHE A 192 1.01 15.67 17.76
C PHE A 192 -0.15 15.03 17.00
N PRO A 193 -0.01 13.76 16.62
CA PRO A 193 -1.11 13.08 15.94
C PRO A 193 -2.32 12.93 16.85
N ALA A 194 -3.48 12.79 16.21
CA ALA A 194 -4.74 12.69 16.95
C ALA A 194 -4.80 11.39 17.73
N VAL A 195 -5.48 11.44 18.88
CA VAL A 195 -5.67 10.29 19.75
C VAL A 195 -7.16 9.98 19.79
N LEU A 196 -7.51 8.75 19.41
CA LEU A 196 -8.91 8.32 19.38
C LEU A 196 -9.36 8.06 20.82
N GLN A 197 -10.09 9.01 21.39
CA GLN A 197 -10.58 8.86 22.75
C GLN A 197 -11.74 7.87 22.80
N SER A 198 -12.06 7.42 24.00
CA SER A 198 -13.12 6.43 24.18
C SER A 198 -14.50 7.00 23.89
N SER A 199 -14.64 8.33 23.87
CA SER A 199 -15.93 8.97 23.58
C SER A 199 -16.27 8.98 22.10
N GLY A 200 -15.46 8.35 21.25
CA GLY A 200 -15.68 8.38 19.82
C GLY A 200 -15.15 9.60 19.11
N LEU A 201 -14.48 10.51 19.82
CA LEU A 201 -13.92 11.72 19.27
C LEU A 201 -12.39 11.62 19.21
N TYR A 202 -11.73 12.74 18.99
CA TYR A 202 -10.28 12.78 18.88
C TYR A 202 -9.73 13.88 19.80
N SER A 203 -8.43 13.80 20.05
CA SER A 203 -7.72 14.78 20.87
C SER A 203 -6.38 15.08 20.22
N LEU A 204 -6.03 16.36 20.14
CA LEU A 204 -4.81 16.79 19.47
C LEU A 204 -4.17 17.92 20.26
N SER A 205 -2.84 17.90 20.35
CA SER A 205 -2.09 18.93 21.05
C SER A 205 -1.01 19.47 20.13
N SER A 206 -0.84 20.79 20.14
CA SER A 206 0.20 21.45 19.37
C SER A 206 0.99 22.35 20.30
N VAL A 207 2.32 22.16 20.32
CA VAL A 207 3.19 22.89 21.22
C VAL A 207 4.22 23.67 20.39
N VAL A 208 4.95 24.54 21.08
CA VAL A 208 6.00 25.33 20.45
C VAL A 208 7.09 25.58 21.50
N THR A 209 8.30 25.85 21.01
CA THR A 209 9.45 26.16 21.86
C THR A 209 9.94 27.55 21.51
N VAL A 210 9.81 28.48 22.46
CA VAL A 210 10.20 29.88 22.24
C VAL A 210 11.15 30.30 23.35
N PRO A 211 12.01 31.30 23.13
CA PRO A 211 12.90 31.75 24.21
C PRO A 211 12.11 32.35 25.36
N SER A 212 12.64 32.17 26.58
CA SER A 212 11.94 32.64 27.77
C SER A 212 11.94 34.16 27.86
N SER A 213 12.92 34.82 27.27
CA SER A 213 13.01 36.28 27.35
C SER A 213 11.93 36.98 26.55
N SER A 214 11.39 36.33 25.51
CA SER A 214 10.38 36.93 24.66
C SER A 214 8.96 36.62 25.11
N LEU A 215 8.79 36.04 26.30
CA LEU A 215 7.44 35.67 26.75
C LEU A 215 6.67 36.91 27.20
N GLY A 216 7.30 37.78 27.98
CA GLY A 216 6.64 38.97 28.48
C GLY A 216 6.38 40.04 27.44
N THR A 217 6.95 39.90 26.23
CA THR A 217 6.79 40.87 25.17
C THR A 217 6.03 40.30 23.98
N GLN A 218 6.59 39.30 23.30
CA GLN A 218 5.95 38.74 22.12
C GLN A 218 4.72 37.93 22.52
N THR A 219 3.59 38.24 21.88
CA THR A 219 2.34 37.52 22.13
C THR A 219 2.20 36.36 21.16
N TYR A 220 1.81 35.20 21.69
CA TYR A 220 1.67 33.98 20.90
C TYR A 220 0.22 33.54 20.90
N ILE A 221 -0.31 33.25 19.71
CA ILE A 221 -1.69 32.81 19.54
C ILE A 221 -1.71 31.67 18.52
N CYS A 222 -2.54 30.67 18.77
CA CYS A 222 -2.68 29.52 17.89
C CYS A 222 -3.98 29.61 17.12
N ASN A 223 -3.95 29.17 15.87
CA ASN A 223 -5.09 29.25 14.96
C ASN A 223 -5.52 27.84 14.59
N VAL A 224 -6.69 27.42 15.08
CA VAL A 224 -7.22 26.09 14.86
C VAL A 224 -8.30 26.17 13.79
N ASN A 225 -8.15 25.35 12.74
CA ASN A 225 -9.07 25.35 11.61
C ASN A 225 -9.60 23.95 11.41
N HIS A 226 -10.88 23.73 11.72
CA HIS A 226 -11.55 22.45 11.51
C HIS A 226 -12.61 22.66 10.45
N LYS A 227 -12.27 22.31 9.20
CA LYS A 227 -13.16 22.59 8.08
C LYS A 227 -14.45 21.79 8.13
N PRO A 228 -14.45 20.46 8.41
CA PRO A 228 -15.71 19.69 8.33
C PRO A 228 -16.78 20.11 9.32
N SER A 229 -16.47 21.10 10.17
CA SER A 229 -17.47 21.72 11.03
C SER A 229 -17.47 23.24 10.91
N ASN A 230 -16.61 23.82 10.06
CA ASN A 230 -16.51 25.26 9.87
C ASN A 230 -16.20 25.99 11.18
N THR A 231 -15.34 25.38 11.98
CA THR A 231 -14.92 25.96 13.25
C THR A 231 -13.57 26.64 13.07
N LYS A 232 -13.48 27.90 13.49
CA LYS A 232 -12.26 28.69 13.34
C LYS A 232 -12.05 29.44 14.66
N VAL A 233 -11.13 28.94 15.49
CA VAL A 233 -10.90 29.47 16.82
C VAL A 233 -9.48 30.00 16.92
N ASP A 234 -9.33 31.14 17.59
CA ASP A 234 -8.03 31.72 17.90
C ASP A 234 -7.97 32.01 19.40
N LYS A 235 -6.91 31.54 20.05
CA LYS A 235 -6.77 31.65 21.50
C LYS A 235 -5.39 32.20 21.83
N LYS A 236 -5.35 33.37 22.47
CA LYS A 236 -4.08 33.96 22.86
C LYS A 236 -3.50 33.18 24.04
N VAL A 237 -2.22 32.83 23.94
CA VAL A 237 -1.51 32.06 24.96
C VAL A 237 -0.60 33.01 25.72
N GLU A 238 -0.68 32.96 27.06
CA GLU A 238 0.12 33.82 27.91
C GLU A 238 0.11 33.23 29.32
N PRO A 239 1.20 33.39 30.09
CA PRO A 239 1.28 32.87 31.46
C PRO A 239 0.20 33.44 32.38
N GLU B 27 3.77 -14.59 1.54
CA GLU B 27 3.08 -13.40 1.04
C GLU B 27 3.81 -12.11 1.42
N LEU B 28 5.11 -12.07 1.09
CA LEU B 28 5.94 -10.87 1.21
C LEU B 28 5.95 -10.31 2.63
N THR B 29 6.73 -10.93 3.49
CA THR B 29 6.86 -10.51 4.89
C THR B 29 8.11 -9.67 5.05
N GLN B 30 7.96 -8.52 5.67
CA GLN B 30 9.07 -7.60 5.94
C GLN B 30 9.31 -7.51 7.44
N PRO B 31 10.52 -7.15 7.86
CA PRO B 31 10.74 -6.86 9.27
C PRO B 31 9.94 -5.65 9.69
N PRO B 32 9.45 -5.62 10.93
CA PRO B 32 8.61 -4.48 11.35
C PRO B 32 9.32 -3.14 11.28
N SER B 33 10.61 -3.11 11.61
CA SER B 33 11.36 -1.86 11.55
C SER B 33 12.85 -2.19 11.57
N VAL B 34 13.63 -1.36 10.87
CA VAL B 34 15.08 -1.43 10.90
C VAL B 34 15.62 -0.06 11.27
N SER B 35 16.71 -0.04 12.03
CA SER B 35 17.32 1.20 12.51
C SER B 35 18.78 1.19 12.10
N VAL B 36 19.15 2.09 11.18
CA VAL B 36 20.51 2.16 10.64
C VAL B 36 21.13 3.48 11.06
N ALA B 37 22.43 3.46 11.31
CA ALA B 37 23.16 4.67 11.67
C ALA B 37 23.42 5.52 10.44
N PRO B 38 23.53 6.85 10.61
CA PRO B 38 23.82 7.70 9.45
C PRO B 38 25.16 7.34 8.83
N GLY B 39 25.20 7.42 7.50
CA GLY B 39 26.37 7.03 6.74
C GLY B 39 26.42 5.55 6.40
N LYS B 40 25.92 4.71 7.29
CA LYS B 40 25.86 3.27 7.05
C LYS B 40 24.80 2.97 5.99
N THR B 41 24.71 1.70 5.61
CA THR B 41 23.81 1.25 4.57
C THR B 41 22.62 0.52 5.18
N ALA B 42 21.41 0.97 4.84
CA ALA B 42 20.20 0.31 5.29
C ALA B 42 19.85 -0.84 4.34
N ARG B 43 19.49 -1.98 4.92
CA ARG B 43 19.11 -3.17 4.17
C ARG B 43 17.77 -3.66 4.69
N ILE B 44 16.78 -3.72 3.79
CA ILE B 44 15.41 -4.10 4.13
C ILE B 44 15.07 -5.34 3.32
N THR B 45 14.94 -6.47 4.00
CA THR B 45 14.61 -7.72 3.34
C THR B 45 13.11 -7.85 3.12
N CYS B 46 12.75 -8.57 2.06
CA CYS B 46 11.34 -8.82 1.71
C CYS B 46 11.24 -10.29 1.32
N GLY B 47 10.65 -11.10 2.20
CA GLY B 47 10.61 -12.55 2.02
C GLY B 47 9.23 -13.02 1.62
N GLY B 48 9.17 -13.77 0.53
CA GLY B 48 7.95 -14.39 0.08
C GLY B 48 8.20 -15.78 -0.50
N ASN B 49 7.17 -16.40 -1.07
CA ASN B 49 7.29 -17.72 -1.66
C ASN B 49 7.18 -17.60 -3.18
N ASN B 50 8.24 -18.00 -3.88
CA ASN B 50 8.26 -18.03 -5.35
C ASN B 50 7.92 -16.66 -5.94
N ILE B 51 8.77 -15.69 -5.62
CA ILE B 51 8.60 -14.34 -6.15
C ILE B 51 9.31 -14.22 -7.48
N GLY B 52 8.86 -13.26 -8.30
CA GLY B 52 9.27 -13.22 -9.69
C GLY B 52 10.77 -13.02 -9.84
N ARG B 53 11.34 -13.72 -10.82
CA ARG B 53 12.76 -13.63 -11.15
C ARG B 53 13.13 -12.27 -11.72
N LYS B 54 12.15 -11.39 -11.92
CA LYS B 54 12.43 -10.10 -12.52
C LYS B 54 11.53 -9.00 -11.96
N SER B 55 10.71 -9.28 -10.95
CA SER B 55 9.66 -8.34 -10.54
C SER B 55 9.55 -8.29 -9.02
N VAL B 56 10.27 -7.36 -8.41
CA VAL B 56 10.01 -6.89 -7.05
C VAL B 56 10.08 -5.37 -7.06
N HIS B 57 9.04 -4.74 -6.51
CA HIS B 57 8.94 -3.28 -6.49
C HIS B 57 9.07 -2.77 -5.07
N TRP B 58 9.58 -1.55 -4.94
CA TRP B 58 9.82 -0.94 -3.64
C TRP B 58 9.17 0.44 -3.62
N TYR B 59 8.38 0.71 -2.59
CA TYR B 59 7.66 1.96 -2.45
C TYR B 59 8.06 2.64 -1.14
N GLN B 60 8.46 3.90 -1.23
CA GLN B 60 8.74 4.71 -0.05
C GLN B 60 7.53 5.57 0.27
N GLN B 61 7.07 5.52 1.52
CA GLN B 61 5.91 6.29 1.95
C GLN B 61 6.27 7.05 3.21
N LYS B 62 6.19 8.36 3.15
CA LYS B 62 6.44 9.23 4.28
C LYS B 62 5.14 9.63 4.94
N PRO B 63 5.18 10.04 6.23
CA PRO B 63 3.93 10.33 6.95
C PRO B 63 2.99 11.29 6.24
N GLY B 64 1.82 10.79 5.85
CA GLY B 64 0.82 11.61 5.19
C GLY B 64 0.98 11.76 3.70
N GLN B 65 1.83 10.94 3.07
CA GLN B 65 2.08 11.04 1.64
C GLN B 65 1.66 9.74 0.95
N ALA B 66 1.56 9.81 -0.37
CA ALA B 66 1.29 8.64 -1.17
C ALA B 66 2.59 7.85 -1.40
N PRO B 67 2.49 6.54 -1.63
CA PRO B 67 3.70 5.76 -1.92
C PRO B 67 4.38 6.23 -3.19
N VAL B 68 5.70 6.21 -3.18
CA VAL B 68 6.52 6.62 -4.32
C VAL B 68 7.37 5.43 -4.74
N LEU B 69 7.21 5.01 -6.00
CA LEU B 69 7.98 3.89 -6.53
C LEU B 69 9.44 4.29 -6.64
N VAL B 70 10.31 3.66 -5.84
CA VAL B 70 11.72 3.98 -5.85
C VAL B 70 12.56 2.89 -6.54
N VAL B 71 12.15 1.63 -6.47
CA VAL B 71 12.86 0.53 -7.10
C VAL B 71 11.84 -0.39 -7.75
N TYR B 72 12.07 -0.75 -9.01
CA TYR B 72 11.23 -1.69 -9.72
C TYR B 72 12.10 -2.67 -10.47
N ASP B 73 11.48 -3.79 -10.87
CA ASP B 73 12.17 -4.87 -11.57
C ASP B 73 13.44 -5.28 -10.82
N ASP B 74 13.27 -5.51 -9.52
CA ASP B 74 14.30 -6.05 -8.62
C ASP B 74 15.38 -5.03 -8.29
N SER B 75 16.12 -4.57 -9.30
CA SER B 75 17.24 -3.66 -9.06
C SER B 75 17.22 -2.39 -9.91
N ASP B 76 16.20 -2.18 -10.74
CA ASP B 76 16.14 -1.00 -11.57
C ASP B 76 15.52 0.17 -10.82
N ARG B 77 15.72 1.38 -11.34
CA ARG B 77 15.26 2.60 -10.71
C ARG B 77 14.64 3.53 -11.74
N PRO B 78 13.55 4.21 -11.39
CA PRO B 78 12.92 5.14 -12.34
C PRO B 78 13.75 6.39 -12.57
N SER B 79 13.26 7.26 -13.46
CA SER B 79 13.89 8.55 -13.68
C SER B 79 13.64 9.47 -12.48
N GLY B 80 14.71 9.97 -11.88
CA GLY B 80 14.61 10.88 -10.76
C GLY B 80 14.92 10.26 -9.42
N ILE B 81 14.86 8.94 -9.31
CA ILE B 81 15.23 8.27 -8.06
C ILE B 81 16.75 8.22 -7.97
N PRO B 82 17.34 8.69 -6.88
CA PRO B 82 18.80 8.69 -6.76
C PRO B 82 19.36 7.27 -6.84
N GLU B 83 20.59 7.17 -7.34
CA GLU B 83 21.25 5.87 -7.47
C GLU B 83 21.63 5.26 -6.12
N ARG B 84 21.37 5.96 -5.01
CA ARG B 84 21.62 5.39 -3.69
C ARG B 84 20.77 4.16 -3.45
N PHE B 85 19.50 4.21 -3.83
CA PHE B 85 18.62 3.05 -3.67
C PHE B 85 19.08 1.93 -4.58
N SER B 86 19.09 0.70 -4.04
CA SER B 86 19.51 -0.46 -4.80
C SER B 86 18.65 -1.64 -4.38
N GLY B 87 18.31 -2.50 -5.34
CA GLY B 87 17.54 -3.68 -5.03
C GLY B 87 18.32 -4.95 -5.28
N SER B 88 17.85 -6.06 -4.72
CA SER B 88 18.50 -7.34 -4.91
C SER B 88 17.48 -8.44 -4.65
N ASN B 89 17.66 -9.57 -5.32
CA ASN B 89 16.72 -10.68 -5.21
C ASN B 89 17.50 -11.99 -5.32
N SER B 90 17.21 -12.92 -4.40
CA SER B 90 17.88 -14.22 -4.36
C SER B 90 16.82 -15.29 -4.09
N GLY B 91 16.02 -15.58 -5.11
CA GLY B 91 15.03 -16.64 -5.02
C GLY B 91 13.76 -16.23 -4.32
N ASN B 92 13.69 -16.47 -3.01
CA ASN B 92 12.49 -16.22 -2.22
C ASN B 92 12.64 -15.05 -1.26
N THR B 93 13.67 -14.23 -1.43
CA THR B 93 13.89 -13.08 -0.56
C THR B 93 14.50 -11.94 -1.37
N ALA B 94 13.85 -10.80 -1.36
CA ALA B 94 14.37 -9.58 -1.98
C ALA B 94 14.79 -8.60 -0.89
N THR B 95 15.79 -7.78 -1.20
CA THR B 95 16.31 -6.82 -0.23
C THR B 95 16.51 -5.47 -0.89
N LEU B 96 16.16 -4.42 -0.16
CA LEU B 96 16.33 -3.04 -0.60
C LEU B 96 17.57 -2.45 0.05
N THR B 97 18.40 -1.79 -0.75
CA THR B 97 19.69 -1.28 -0.30
C THR B 97 19.69 0.24 -0.43
N ILE B 98 19.65 0.93 0.71
CA ILE B 98 19.73 2.39 0.75
C ILE B 98 21.16 2.74 1.18
N SER B 99 21.96 3.18 0.21
CA SER B 99 23.38 3.44 0.47
C SER B 99 23.55 4.84 1.05
N ARG B 100 24.37 4.93 2.11
CA ARG B 100 24.68 6.19 2.79
C ARG B 100 23.40 6.90 3.23
N VAL B 101 22.79 6.33 4.26
CA VAL B 101 21.51 6.82 4.75
C VAL B 101 21.71 8.11 5.52
N GLU B 102 20.89 9.11 5.21
CA GLU B 102 20.95 10.40 5.87
C GLU B 102 19.62 10.70 6.56
N ALA B 103 19.46 11.94 7.02
CA ALA B 103 18.33 12.30 7.86
C ALA B 103 17.01 12.40 7.10
N GLY B 104 17.03 12.32 5.77
CA GLY B 104 15.80 12.46 5.02
C GLY B 104 15.26 11.15 4.49
N ASP B 105 15.64 10.04 5.13
CA ASP B 105 15.27 8.71 4.65
C ASP B 105 14.28 8.00 5.56
N GLU B 106 13.74 8.69 6.58
CA GLU B 106 12.75 8.08 7.46
C GLU B 106 11.44 7.93 6.72
N ALA B 107 11.03 6.70 6.47
CA ALA B 107 9.78 6.42 5.77
C ALA B 107 9.45 4.94 5.91
N ASP B 108 8.21 4.59 5.56
CA ASP B 108 7.81 3.20 5.47
C ASP B 108 8.10 2.69 4.06
N TYR B 109 8.65 1.49 3.99
CA TYR B 109 9.02 0.88 2.72
C TYR B 109 8.26 -0.43 2.55
N TYR B 110 7.50 -0.55 1.47
CA TYR B 110 6.73 -1.74 1.15
C TYR B 110 7.27 -2.37 -0.12
N CYS B 111 7.35 -3.70 -0.13
CA CYS B 111 7.69 -4.43 -1.34
C CYS B 111 6.44 -4.99 -1.98
N GLN B 112 6.40 -4.97 -3.31
CA GLN B 112 5.22 -5.39 -4.04
C GLN B 112 5.62 -6.12 -5.31
N VAL B 113 4.93 -7.22 -5.59
CA VAL B 113 5.13 -8.00 -6.81
C VAL B 113 3.77 -8.26 -7.44
N TYR B 114 3.79 -8.72 -8.69
CA TYR B 114 2.58 -9.21 -9.36
C TYR B 114 2.66 -10.73 -9.39
N ASP B 115 1.95 -11.37 -8.48
CA ASP B 115 1.92 -12.82 -8.41
C ASP B 115 1.11 -13.36 -9.58
N LEU B 116 1.80 -13.93 -10.57
CA LEU B 116 1.12 -14.45 -11.74
C LEU B 116 0.18 -15.60 -11.40
N TRP B 117 0.47 -16.32 -10.32
CA TRP B 117 -0.32 -17.48 -9.94
C TRP B 117 -1.52 -17.14 -9.07
N SER B 118 -1.73 -15.86 -8.76
CA SER B 118 -2.90 -15.42 -8.00
C SER B 118 -3.58 -14.20 -8.59
N SER B 119 -3.03 -13.62 -9.66
CA SER B 119 -3.60 -12.48 -10.37
C SER B 119 -3.76 -11.24 -9.50
N ASP B 120 -3.17 -11.23 -8.30
CA ASP B 120 -3.34 -10.13 -7.37
C ASP B 120 -2.02 -9.38 -7.18
N TYR B 121 -2.14 -8.07 -6.98
CA TYR B 121 -1.02 -7.27 -6.50
C TYR B 121 -0.87 -7.51 -5.00
N VAL B 122 0.27 -8.02 -4.58
CA VAL B 122 0.51 -8.33 -3.17
C VAL B 122 1.60 -7.41 -2.65
N PHE B 123 1.32 -6.72 -1.55
CA PHE B 123 2.25 -5.79 -0.94
C PHE B 123 2.96 -6.45 0.24
N GLY B 124 3.85 -5.68 0.88
CA GLY B 124 4.56 -6.14 2.05
C GLY B 124 3.98 -5.57 3.33
N THR B 125 4.40 -6.16 4.45
CA THR B 125 3.90 -5.73 5.75
C THR B 125 4.40 -4.35 6.14
N GLY B 126 5.45 -3.86 5.48
CA GLY B 126 5.97 -2.54 5.77
C GLY B 126 7.13 -2.56 6.75
N THR B 127 8.15 -1.74 6.47
CA THR B 127 9.33 -1.63 7.33
C THR B 127 9.56 -0.16 7.64
N LYS B 128 9.58 0.18 8.93
CA LYS B 128 9.87 1.54 9.35
C LYS B 128 11.38 1.71 9.51
N VAL B 129 11.90 2.81 8.97
CA VAL B 129 13.33 3.09 9.01
C VAL B 129 13.56 4.26 9.97
N GLU B 130 14.28 3.99 11.06
CA GLU B 130 14.66 5.00 12.02
C GLU B 130 16.15 5.30 11.85
N ILE B 131 16.48 6.59 11.84
CA ILE B 131 17.87 7.03 11.70
C ILE B 131 18.47 7.14 13.10
N LYS B 132 19.59 6.45 13.31
CA LYS B 132 20.28 6.54 14.59
C LYS B 132 20.82 7.94 14.81
N ARG B 133 21.10 8.26 16.07
CA ARG B 133 21.49 9.61 16.45
C ARG B 133 22.19 9.55 17.79
N THR B 134 23.02 10.57 18.05
CA THR B 134 23.55 10.77 19.39
C THR B 134 22.41 10.85 20.39
N VAL B 135 22.63 10.27 21.57
CA VAL B 135 21.59 10.18 22.59
C VAL B 135 21.17 11.57 23.04
N ALA B 136 19.97 11.98 22.65
CA ALA B 136 19.42 13.27 23.03
C ALA B 136 18.51 13.13 24.24
N ALA B 137 18.49 14.16 25.08
CA ALA B 137 17.65 14.09 26.27
C ALA B 137 16.36 14.86 26.04
N PRO B 138 15.25 14.37 26.58
CA PRO B 138 13.97 15.06 26.38
C PRO B 138 13.87 16.32 27.23
N SER B 139 13.32 17.38 26.62
CA SER B 139 13.02 18.62 27.33
C SER B 139 11.61 18.47 27.90
N VAL B 140 11.52 18.21 29.20
CA VAL B 140 10.26 17.87 29.83
C VAL B 140 9.57 19.15 30.30
N PHE B 141 8.33 19.35 29.86
CA PHE B 141 7.49 20.43 30.31
C PHE B 141 6.18 19.87 30.86
N ILE B 142 5.55 20.63 31.75
CA ILE B 142 4.30 20.23 32.38
C ILE B 142 3.28 21.35 32.17
N PHE B 143 2.05 20.97 31.85
CA PHE B 143 0.99 21.93 31.54
C PHE B 143 -0.22 21.71 32.44
N PRO B 144 -0.49 22.61 33.38
CA PRO B 144 -1.70 22.49 34.19
C PRO B 144 -2.93 22.86 33.38
N PRO B 145 -4.11 22.38 33.77
CA PRO B 145 -5.33 22.73 33.04
C PRO B 145 -5.64 24.22 33.16
N SER B 146 -6.35 24.73 32.16
CA SER B 146 -6.71 26.14 32.14
C SER B 146 -7.97 26.39 32.97
N ASP B 147 -8.17 27.65 33.34
CA ASP B 147 -9.35 28.02 34.11
C ASP B 147 -10.64 27.85 33.32
N GLU B 148 -10.57 27.86 31.99
CA GLU B 148 -11.74 27.63 31.17
C GLU B 148 -12.04 26.14 31.02
N GLN B 149 -11.01 25.31 30.97
CA GLN B 149 -11.22 23.87 30.82
C GLN B 149 -11.90 23.26 32.04
N LEU B 150 -11.65 23.82 33.22
CA LEU B 150 -12.30 23.31 34.43
C LEU B 150 -13.79 23.60 34.44
N LYS B 151 -14.22 24.67 33.77
CA LYS B 151 -15.62 25.02 33.73
C LYS B 151 -16.45 24.00 32.96
N SER B 152 -15.84 23.25 32.05
CA SER B 152 -16.55 22.22 31.31
C SER B 152 -16.77 20.95 32.13
N GLY B 153 -16.10 20.80 33.27
CA GLY B 153 -16.27 19.66 34.13
C GLY B 153 -15.22 18.58 34.00
N THR B 154 -14.25 18.75 33.11
CA THR B 154 -13.20 17.75 32.89
C THR B 154 -11.87 18.46 32.69
N ALA B 155 -10.84 17.97 33.36
CA ALA B 155 -9.50 18.53 33.27
C ALA B 155 -8.56 17.58 32.55
N SER B 156 -7.47 18.14 32.04
CA SER B 156 -6.45 17.36 31.34
C SER B 156 -5.09 18.01 31.56
N VAL B 157 -4.16 17.25 32.13
CA VAL B 157 -2.80 17.73 32.38
C VAL B 157 -1.89 17.13 31.32
N VAL B 158 -1.11 17.98 30.66
CA VAL B 158 -0.25 17.59 29.56
C VAL B 158 1.20 17.60 30.01
N CYS B 159 1.96 16.60 29.58
CA CYS B 159 3.39 16.53 29.83
C CYS B 159 4.10 16.36 28.49
N LEU B 160 4.93 17.34 28.15
CA LEU B 160 5.58 17.41 26.84
C LEU B 160 7.02 16.92 26.93
N LEU B 161 7.39 16.04 26.01
CA LEU B 161 8.76 15.56 25.88
C LEU B 161 9.26 16.00 24.50
N ASN B 162 10.14 16.98 24.46
CA ASN B 162 10.54 17.64 23.22
C ASN B 162 11.92 17.16 22.78
N ASN B 163 12.00 16.68 21.55
CA ASN B 163 13.26 16.38 20.87
C ASN B 163 14.15 15.44 21.67
N PHE B 164 13.90 14.15 21.61
CA PHE B 164 14.69 13.17 22.33
C PHE B 164 14.98 11.98 21.44
N TYR B 165 15.98 11.19 21.84
CA TYR B 165 16.35 9.98 21.14
C TYR B 165 17.09 9.07 22.11
N PRO B 166 16.84 7.76 22.11
CA PRO B 166 15.91 7.03 21.22
C PRO B 166 14.43 7.22 21.54
N ARG B 167 13.57 6.53 20.80
CA ARG B 167 12.13 6.70 20.96
C ARG B 167 11.64 6.16 22.30
N GLU B 168 12.30 5.14 22.83
CA GLU B 168 11.85 4.47 24.05
C GLU B 168 11.98 5.43 25.23
N ALA B 169 10.84 5.87 25.77
CA ALA B 169 10.78 6.67 26.98
C ALA B 169 9.71 6.09 27.89
N LYS B 170 9.71 6.54 29.15
CA LYS B 170 8.74 6.09 30.14
C LYS B 170 8.18 7.30 30.87
N VAL B 171 6.93 7.66 30.55
CA VAL B 171 6.27 8.81 31.16
C VAL B 171 5.22 8.32 32.14
N GLN B 172 5.61 8.14 33.40
CA GLN B 172 4.69 7.71 34.45
C GLN B 172 4.24 8.91 35.26
N TRP B 173 2.95 8.95 35.58
CA TRP B 173 2.35 10.09 36.27
C TRP B 173 2.37 9.84 37.77
N LYS B 174 2.96 10.77 38.51
CA LYS B 174 2.97 10.73 39.97
C LYS B 174 2.07 11.86 40.47
N VAL B 175 1.04 11.50 41.23
CA VAL B 175 0.10 12.44 41.81
C VAL B 175 0.18 12.30 43.32
N ASP B 176 0.80 13.27 43.98
CA ASP B 176 1.09 13.20 45.42
C ASP B 176 1.86 11.93 45.75
N ASN B 177 2.92 11.69 44.97
CA ASN B 177 3.80 10.54 45.08
C ASN B 177 3.09 9.21 44.86
N ALA B 178 1.86 9.24 44.35
CA ALA B 178 1.10 8.03 44.06
C ALA B 178 1.12 7.79 42.56
N LEU B 179 1.69 6.66 42.14
CA LEU B 179 1.79 6.34 40.72
C LEU B 179 0.41 6.13 40.12
N GLN B 180 0.19 6.72 38.94
CA GLN B 180 -1.09 6.67 38.26
C GLN B 180 -1.04 5.72 37.07
N SER B 181 -2.20 5.14 36.76
CA SER B 181 -2.31 4.21 35.64
C SER B 181 -3.75 4.20 35.16
N GLY B 182 -3.92 4.04 33.85
CA GLY B 182 -5.25 3.90 33.27
C GLY B 182 -5.75 5.10 32.50
N ASN B 183 -5.53 6.31 33.04
CA ASN B 183 -6.04 7.52 32.42
C ASN B 183 -4.92 8.33 31.76
N SER B 184 -4.13 7.69 30.91
CA SER B 184 -3.03 8.36 30.23
C SER B 184 -3.01 7.93 28.77
N GLN B 185 -2.82 8.91 27.88
CA GLN B 185 -2.77 8.66 26.44
C GLN B 185 -1.48 9.25 25.91
N GLU B 186 -0.72 8.44 25.18
CA GLU B 186 0.56 8.85 24.60
C GLU B 186 0.45 8.86 23.09
N SER B 187 0.75 10.01 22.48
CA SER B 187 0.83 10.15 21.03
C SER B 187 2.18 10.77 20.70
N VAL B 188 3.05 10.01 20.04
CA VAL B 188 4.40 10.44 19.73
C VAL B 188 4.47 10.87 18.28
N THR B 189 5.19 11.96 18.03
CA THR B 189 5.40 12.42 16.66
C THR B 189 6.33 11.48 15.91
N GLU B 190 6.26 11.56 14.58
CA GLU B 190 7.19 10.80 13.76
C GLU B 190 8.59 11.40 13.88
N GLN B 191 9.57 10.67 13.37
CA GLN B 191 10.95 11.12 13.46
C GLN B 191 11.13 12.41 12.67
N ASP B 192 11.88 13.35 13.24
CA ASP B 192 12.07 14.65 12.61
C ASP B 192 12.86 14.50 11.31
N SER B 193 12.72 15.50 10.46
CA SER B 193 13.37 15.50 9.14
C SER B 193 14.81 16.00 9.18
N LYS B 194 15.19 16.76 10.20
CA LYS B 194 16.53 17.34 10.29
C LYS B 194 17.40 16.62 11.32
N ASP B 195 17.02 16.65 12.59
CA ASP B 195 17.82 16.06 13.65
C ASP B 195 17.36 14.66 14.04
N SER B 196 16.33 14.12 13.39
CA SER B 196 15.89 12.74 13.60
C SER B 196 15.52 12.48 15.06
N THR B 197 14.81 13.41 15.67
CA THR B 197 14.38 13.30 17.06
C THR B 197 12.87 13.18 17.14
N TYR B 198 12.41 12.48 18.17
CA TYR B 198 10.98 12.28 18.40
C TYR B 198 10.45 13.36 19.32
N SER B 199 9.14 13.31 19.60
CA SER B 199 8.50 14.23 20.52
C SER B 199 7.26 13.56 21.07
N LEU B 200 7.18 13.45 22.39
CA LEU B 200 6.12 12.72 23.07
C LEU B 200 5.24 13.67 23.87
N SER B 201 3.94 13.39 23.88
CA SER B 201 2.97 14.12 24.70
C SER B 201 2.09 13.10 25.42
N SER B 202 2.03 13.21 26.74
CA SER B 202 1.22 12.34 27.58
C SER B 202 0.21 13.20 28.34
N THR B 203 -1.06 12.84 28.22
CA THR B 203 -2.15 13.61 28.83
C THR B 203 -2.84 12.78 29.89
N LEU B 204 -3.12 13.41 31.03
CA LEU B 204 -3.82 12.80 32.15
C LEU B 204 -5.21 13.43 32.22
N THR B 205 -6.22 12.70 31.75
CA THR B 205 -7.58 13.21 31.68
C THR B 205 -8.40 12.62 32.84
N LEU B 206 -8.80 13.48 33.76
CA LEU B 206 -9.66 13.09 34.87
C LEU B 206 -10.71 14.17 35.08
N SER B 207 -11.74 13.83 35.86
CA SER B 207 -12.84 14.74 36.09
C SER B 207 -12.39 15.93 36.94
N LYS B 208 -13.15 17.03 36.81
CA LYS B 208 -12.86 18.21 37.62
C LYS B 208 -13.07 17.92 39.11
N ALA B 209 -13.98 17.01 39.44
CA ALA B 209 -14.17 16.62 40.84
C ALA B 209 -12.95 15.90 41.37
N ASP B 210 -12.46 14.89 40.64
CA ASP B 210 -11.26 14.18 41.04
C ASP B 210 -10.00 15.04 40.87
N TYR B 211 -10.09 16.14 40.11
CA TYR B 211 -8.95 17.05 40.00
C TYR B 211 -8.72 17.80 41.30
N GLU B 212 -9.80 18.20 41.97
CA GLU B 212 -9.69 18.89 43.25
C GLU B 212 -9.33 17.95 44.40
N LYS B 213 -9.38 16.64 44.17
CA LYS B 213 -9.04 15.66 45.20
C LYS B 213 -7.54 15.47 45.37
N HIS B 214 -6.72 16.21 44.63
CA HIS B 214 -5.26 16.07 44.71
C HIS B 214 -4.65 17.46 44.74
N LYS B 215 -3.32 17.51 44.82
CA LYS B 215 -2.62 18.77 45.02
C LYS B 215 -1.40 18.89 44.12
N VAL B 216 -0.48 17.94 44.21
CA VAL B 216 0.79 17.99 43.50
C VAL B 216 0.70 17.00 42.34
N TYR B 217 0.52 17.53 41.12
CA TYR B 217 0.54 16.73 39.91
C TYR B 217 1.94 16.78 39.30
N ALA B 218 2.56 15.62 39.15
CA ALA B 218 3.94 15.53 38.68
C ALA B 218 4.00 14.65 37.44
N CYS B 219 5.15 14.73 36.75
CA CYS B 219 5.39 13.95 35.54
C CYS B 219 6.84 13.48 35.58
N GLU B 220 7.05 12.20 35.90
CA GLU B 220 8.38 11.63 36.00
C GLU B 220 8.75 10.98 34.66
N VAL B 221 9.79 11.51 34.02
CA VAL B 221 10.23 11.05 32.71
C VAL B 221 11.53 10.28 32.88
N THR B 222 11.53 9.02 32.45
CA THR B 222 12.72 8.19 32.42
C THR B 222 13.13 7.96 30.97
N HIS B 223 14.41 8.13 30.67
CA HIS B 223 14.88 8.05 29.30
C HIS B 223 16.38 7.89 29.29
N GLN B 224 16.89 7.26 28.23
CA GLN B 224 18.34 7.16 28.05
C GLN B 224 18.93 8.56 27.90
N GLY B 225 20.19 8.70 28.29
CA GLY B 225 20.82 9.99 28.29
C GLY B 225 20.42 10.90 29.43
N LEU B 226 19.47 10.48 30.27
CA LEU B 226 19.12 11.18 31.50
C LEU B 226 19.82 10.49 32.65
N SER B 227 20.62 11.25 33.40
CA SER B 227 21.35 10.68 34.54
C SER B 227 20.39 10.10 35.57
N SER B 228 19.22 10.71 35.72
CA SER B 228 18.21 10.26 36.66
C SER B 228 16.86 10.80 36.21
N PRO B 229 15.75 10.18 36.63
CA PRO B 229 14.44 10.67 36.21
C PRO B 229 14.21 12.13 36.59
N VAL B 230 13.69 12.89 35.64
CA VAL B 230 13.37 14.30 35.84
C VAL B 230 11.86 14.42 36.08
N THR B 231 11.48 15.29 37.03
CA THR B 231 10.10 15.45 37.42
C THR B 231 9.73 16.93 37.33
N LYS B 232 8.72 17.23 36.51
CA LYS B 232 8.18 18.58 36.37
C LYS B 232 6.78 18.59 36.97
N SER B 233 6.66 19.18 38.16
CA SER B 233 5.41 19.15 38.92
C SER B 233 4.85 20.55 39.07
N PHE B 234 3.63 20.62 39.62
CA PHE B 234 2.96 21.87 39.92
C PHE B 234 1.91 21.62 40.99
N ASN B 235 1.68 22.63 41.83
CA ASN B 235 0.65 22.57 42.85
C ASN B 235 -0.66 23.13 42.31
N ARG B 236 -1.76 22.49 42.67
CA ARG B 236 -3.08 22.89 42.18
C ARG B 236 -3.45 24.27 42.74
N GLY B 237 -3.13 25.32 42.01
CA GLY B 237 -3.42 26.68 42.43
C GLY B 237 -2.16 27.50 42.71
N CYS C 57 17.39 -30.27 -27.01
CA CYS C 57 18.22 -29.50 -27.94
C CYS C 57 17.43 -28.49 -28.80
N PRO C 58 16.28 -28.90 -29.40
CA PRO C 58 15.52 -27.92 -30.19
C PRO C 58 14.79 -26.88 -29.34
N PHE C 59 15.25 -26.69 -28.10
CA PHE C 59 14.66 -25.66 -27.24
C PHE C 59 14.87 -24.26 -27.79
N GLY C 60 15.96 -24.06 -28.53
CA GLY C 60 16.31 -22.71 -28.97
C GLY C 60 15.22 -22.07 -29.81
N GLU C 61 14.67 -22.82 -30.77
CA GLU C 61 13.59 -22.32 -31.62
C GLU C 61 12.22 -22.58 -31.02
N VAL C 62 12.15 -22.83 -29.71
CA VAL C 62 10.88 -22.94 -29.00
C VAL C 62 10.66 -21.74 -28.09
N PHE C 63 11.71 -21.28 -27.41
CA PHE C 63 11.62 -20.10 -26.56
C PHE C 63 11.91 -18.82 -27.34
N ASN C 64 13.02 -18.80 -28.09
CA ASN C 64 13.42 -17.64 -28.88
C ASN C 64 12.72 -17.58 -30.23
N ALA C 65 11.55 -18.20 -30.36
CA ALA C 65 10.81 -18.12 -31.61
C ALA C 65 10.22 -16.73 -31.79
N THR C 66 10.01 -16.36 -33.06
CA THR C 66 9.53 -15.01 -33.37
C THR C 66 8.05 -14.85 -33.00
N ARG C 67 7.21 -15.74 -33.50
CA ARG C 67 5.77 -15.68 -33.27
C ARG C 67 5.29 -16.96 -32.61
N PHE C 68 4.38 -16.81 -31.65
CA PHE C 68 3.75 -17.94 -30.98
C PHE C 68 2.30 -18.07 -31.43
N ALA C 69 1.75 -19.26 -31.22
CA ALA C 69 0.38 -19.53 -31.61
C ALA C 69 -0.58 -19.08 -30.52
N SER C 70 -1.86 -18.92 -30.91
CA SER C 70 -2.89 -18.53 -29.96
C SER C 70 -3.19 -19.68 -29.00
N VAL C 71 -3.85 -19.34 -27.90
CA VAL C 71 -4.11 -20.33 -26.86
C VAL C 71 -5.13 -21.35 -27.32
N TYR C 72 -6.06 -20.97 -28.20
CA TYR C 72 -7.05 -21.91 -28.68
C TYR C 72 -6.43 -22.96 -29.61
N ALA C 73 -5.31 -22.64 -30.26
CA ALA C 73 -4.62 -23.56 -31.16
C ALA C 73 -3.13 -23.60 -30.80
N TRP C 74 -2.83 -24.04 -29.59
CA TRP C 74 -1.47 -24.10 -29.12
C TRP C 74 -0.66 -25.13 -29.90
N ASN C 75 0.66 -24.97 -29.85
CA ASN C 75 1.58 -25.88 -30.52
C ASN C 75 2.18 -26.87 -29.53
N ARG C 76 2.90 -27.84 -30.09
CA ARG C 76 3.57 -28.86 -29.28
C ARG C 76 4.77 -29.39 -30.07
N LYS C 77 5.94 -29.38 -29.43
CA LYS C 77 7.18 -29.83 -30.05
C LYS C 77 7.59 -31.16 -29.47
N ARG C 78 7.93 -32.10 -30.35
CA ARG C 78 8.38 -33.44 -29.96
C ARG C 78 9.87 -33.36 -29.62
N ILE C 79 10.18 -33.40 -28.34
CA ILE C 79 11.55 -33.29 -27.85
C ILE C 79 11.96 -34.66 -27.32
N SER C 80 12.93 -35.29 -27.99
CA SER C 80 13.37 -36.62 -27.61
C SER C 80 14.75 -36.89 -28.21
N ASN C 81 15.51 -37.74 -27.53
CA ASN C 81 16.84 -38.15 -27.97
C ASN C 81 17.75 -36.95 -28.23
N CYS C 82 17.68 -35.97 -27.34
CA CYS C 82 18.48 -34.76 -27.46
C CYS C 82 19.09 -34.42 -26.11
N VAL C 83 20.32 -33.91 -26.14
CA VAL C 83 20.98 -33.44 -24.94
C VAL C 83 20.22 -32.23 -24.42
N ALA C 84 19.56 -32.39 -23.28
CA ALA C 84 18.70 -31.35 -22.72
C ALA C 84 19.27 -30.84 -21.41
N ASP C 85 19.26 -29.52 -21.25
CA ASP C 85 19.67 -28.87 -20.01
C ASP C 85 18.49 -28.09 -19.47
N TYR C 86 18.20 -28.26 -18.19
CA TYR C 86 17.13 -27.54 -17.51
C TYR C 86 17.65 -26.56 -16.46
N SER C 87 18.97 -26.44 -16.34
CA SER C 87 19.58 -25.43 -15.47
C SER C 87 19.80 -24.10 -16.20
N VAL C 88 19.86 -24.11 -17.53
CA VAL C 88 19.96 -22.87 -18.29
C VAL C 88 18.64 -22.10 -18.21
N LEU C 89 17.51 -22.81 -18.17
CA LEU C 89 16.22 -22.14 -18.11
C LEU C 89 15.99 -21.47 -16.76
N TYR C 90 16.59 -22.00 -15.69
CA TYR C 90 16.49 -21.37 -14.38
C TYR C 90 17.55 -20.30 -14.18
N ASN C 91 18.71 -20.43 -14.83
CA ASN C 91 19.74 -19.40 -14.77
C ASN C 91 19.40 -18.21 -15.67
N SER C 92 18.65 -18.45 -16.75
CA SER C 92 18.25 -17.38 -17.65
C SER C 92 17.19 -16.53 -16.98
N ALA C 93 17.59 -15.34 -16.52
CA ALA C 93 16.66 -14.40 -15.91
C ALA C 93 15.79 -13.67 -16.92
N SER C 94 15.72 -14.16 -18.16
CA SER C 94 14.88 -13.57 -19.19
C SER C 94 13.43 -13.98 -19.09
N PHE C 95 13.06 -14.73 -18.05
CA PHE C 95 11.69 -15.16 -17.83
C PHE C 95 11.07 -14.35 -16.69
N SER C 96 9.79 -14.62 -16.42
CA SER C 96 9.07 -13.98 -15.33
C SER C 96 8.70 -14.94 -14.21
N THR C 97 8.59 -16.23 -14.51
CA THR C 97 8.26 -17.22 -13.49
C THR C 97 8.74 -18.59 -13.96
N PHE C 98 8.76 -19.53 -13.02
CA PHE C 98 9.20 -20.89 -13.29
C PHE C 98 8.70 -21.83 -12.19
N LYS C 99 7.50 -22.37 -12.34
CA LYS C 99 6.90 -23.22 -11.34
C LYS C 99 6.81 -24.65 -11.86
N CYS C 100 7.35 -25.59 -11.09
CA CYS C 100 7.33 -27.01 -11.45
C CYS C 100 6.39 -27.75 -10.52
N TYR C 101 5.59 -28.65 -11.11
CA TYR C 101 4.65 -29.48 -10.36
C TYR C 101 5.14 -30.92 -10.37
N GLY C 102 5.35 -31.46 -9.18
CA GLY C 102 5.84 -32.84 -9.06
C GLY C 102 7.32 -33.04 -9.24
N VAL C 103 7.89 -32.48 -10.31
CA VAL C 103 9.31 -32.62 -10.59
C VAL C 103 10.05 -31.43 -9.99
N SER C 104 11.31 -31.65 -9.62
CA SER C 104 12.13 -30.57 -9.08
C SER C 104 13.12 -30.09 -10.13
N PRO C 105 13.25 -28.77 -10.34
CA PRO C 105 14.22 -28.29 -11.33
C PRO C 105 15.67 -28.48 -10.93
N THR C 106 15.94 -28.88 -9.68
CA THR C 106 17.31 -29.09 -9.24
C THR C 106 17.88 -30.41 -9.76
N LYS C 107 17.08 -31.49 -9.71
CA LYS C 107 17.49 -32.79 -10.25
C LYS C 107 17.20 -32.93 -11.73
N LEU C 108 16.46 -32.00 -12.33
CA LEU C 108 16.05 -32.14 -13.72
C LEU C 108 17.23 -32.26 -14.68
N ASN C 109 18.39 -31.71 -14.30
CA ASN C 109 19.53 -31.73 -15.21
C ASN C 109 20.06 -33.14 -15.44
N ASP C 110 20.01 -34.00 -14.42
CA ASP C 110 20.52 -35.37 -14.51
C ASP C 110 19.33 -36.32 -14.39
N LEU C 111 18.56 -36.42 -15.48
CA LEU C 111 17.41 -37.32 -15.54
C LEU C 111 17.18 -37.72 -16.99
N CYS C 112 16.99 -39.02 -17.22
CA CYS C 112 16.73 -39.55 -18.55
C CYS C 112 15.23 -39.83 -18.66
N PHE C 113 14.56 -39.08 -19.54
CA PHE C 113 13.14 -39.23 -19.77
C PHE C 113 12.88 -39.85 -21.14
N THR C 114 11.72 -40.48 -21.28
CA THR C 114 11.33 -41.11 -22.53
C THR C 114 11.12 -40.07 -23.62
N ASN C 115 10.10 -39.23 -23.45
CA ASN C 115 9.81 -38.16 -24.39
C ASN C 115 9.43 -36.90 -23.62
N VAL C 116 9.66 -35.75 -24.25
CA VAL C 116 9.38 -34.45 -23.66
C VAL C 116 8.56 -33.64 -24.65
N TYR C 117 7.46 -33.06 -24.18
CA TYR C 117 6.58 -32.23 -25.01
C TYR C 117 6.56 -30.82 -24.46
N ALA C 118 6.79 -29.84 -25.34
CA ALA C 118 6.78 -28.43 -24.99
C ALA C 118 5.62 -27.76 -25.70
N ASP C 119 4.65 -27.28 -24.92
CA ASP C 119 3.46 -26.61 -25.44
C ASP C 119 3.63 -25.11 -25.30
N SER C 120 3.41 -24.38 -26.40
CA SER C 120 3.61 -22.94 -26.42
C SER C 120 2.34 -22.24 -26.89
N PHE C 121 2.00 -21.14 -26.23
CA PHE C 121 0.85 -20.31 -26.59
C PHE C 121 1.03 -18.95 -25.93
N VAL C 122 0.01 -18.10 -26.04
CA VAL C 122 0.06 -16.75 -25.48
C VAL C 122 -1.27 -16.45 -24.81
N ILE C 123 -1.21 -16.02 -23.54
CA ILE C 123 -2.41 -15.59 -22.81
C ILE C 123 -2.11 -14.24 -22.17
N ARG C 124 -2.93 -13.85 -21.19
CA ARG C 124 -2.74 -12.60 -20.48
C ARG C 124 -2.08 -12.87 -19.13
N GLY C 125 -1.78 -11.78 -18.41
CA GLY C 125 -1.15 -11.92 -17.10
C GLY C 125 -2.10 -12.50 -16.07
N ASP C 126 -3.32 -11.97 -16.00
CA ASP C 126 -4.31 -12.47 -15.05
C ASP C 126 -4.83 -13.85 -15.42
N GLU C 127 -4.44 -14.39 -16.57
CA GLU C 127 -4.85 -15.73 -16.98
C GLU C 127 -3.75 -16.77 -16.78
N VAL C 128 -2.60 -16.37 -16.24
CA VAL C 128 -1.51 -17.32 -16.04
C VAL C 128 -1.86 -18.31 -14.93
N ARG C 129 -2.58 -17.86 -13.90
CA ARG C 129 -2.96 -18.74 -12.80
C ARG C 129 -3.81 -19.92 -13.24
N GLN C 130 -4.34 -19.91 -14.47
CA GLN C 130 -5.16 -21.00 -14.98
C GLN C 130 -4.34 -22.07 -15.69
N ILE C 131 -3.03 -21.84 -15.89
CA ILE C 131 -2.16 -22.89 -16.42
C ILE C 131 -1.58 -23.65 -15.23
N ALA C 132 -2.45 -24.33 -14.49
CA ALA C 132 -2.07 -25.07 -13.30
C ALA C 132 -3.10 -26.17 -13.06
N PRO C 133 -2.70 -27.30 -12.50
CA PRO C 133 -3.65 -28.40 -12.28
C PRO C 133 -4.76 -28.00 -11.32
N GLY C 134 -6.00 -28.16 -11.78
CA GLY C 134 -7.16 -27.89 -10.94
C GLY C 134 -7.57 -26.43 -10.89
N GLN C 135 -7.66 -25.79 -12.06
CA GLN C 135 -8.08 -24.40 -12.14
C GLN C 135 -9.13 -24.25 -13.23
N THR C 136 -9.97 -23.23 -13.10
CA THR C 136 -11.05 -22.95 -14.03
C THR C 136 -10.80 -21.61 -14.72
N GLY C 137 -11.84 -21.10 -15.38
CA GLY C 137 -11.79 -19.84 -16.10
C GLY C 137 -12.03 -20.03 -17.58
N LYS C 138 -11.78 -18.96 -18.34
CA LYS C 138 -11.89 -19.05 -19.79
C LYS C 138 -10.86 -20.01 -20.38
N ILE C 139 -9.62 -19.93 -19.89
CA ILE C 139 -8.62 -20.95 -20.17
C ILE C 139 -8.84 -22.07 -19.17
N ALA C 140 -8.13 -23.19 -19.34
CA ALA C 140 -8.26 -24.38 -18.51
C ALA C 140 -9.68 -24.96 -18.51
N ASP C 141 -10.51 -24.55 -19.46
CA ASP C 141 -11.86 -25.09 -19.61
C ASP C 141 -12.17 -25.22 -21.09
N TYR C 142 -11.87 -24.18 -21.85
CA TYR C 142 -12.12 -24.16 -23.29
C TYR C 142 -10.85 -24.03 -24.11
N ASN C 143 -9.69 -23.85 -23.49
CA ASN C 143 -8.49 -23.53 -24.26
C ASN C 143 -7.33 -24.49 -23.97
N TYR C 144 -6.93 -24.61 -22.69
CA TYR C 144 -5.78 -25.45 -22.36
C TYR C 144 -5.91 -25.88 -20.90
N LYS C 145 -6.37 -27.11 -20.69
CA LYS C 145 -6.50 -27.69 -19.36
C LYS C 145 -5.35 -28.63 -19.06
N LEU C 146 -4.84 -28.57 -17.84
CA LEU C 146 -3.78 -29.45 -17.37
C LEU C 146 -4.35 -30.57 -16.49
N PRO C 147 -3.82 -31.77 -16.60
CA PRO C 147 -4.27 -32.86 -15.72
C PRO C 147 -3.88 -32.60 -14.28
N ASP C 148 -4.67 -33.15 -13.35
CA ASP C 148 -4.43 -32.93 -11.94
C ASP C 148 -3.18 -33.66 -11.44
N ASP C 149 -2.73 -34.70 -12.13
CA ASP C 149 -1.51 -35.41 -11.80
C ASP C 149 -0.31 -34.93 -12.61
N PHE C 150 -0.31 -33.65 -12.97
CA PHE C 150 0.71 -33.11 -13.86
C PHE C 150 2.09 -33.16 -13.20
N THR C 151 3.06 -33.71 -13.93
CA THR C 151 4.45 -33.81 -13.46
C THR C 151 5.30 -33.03 -14.47
N GLY C 152 5.45 -31.73 -14.26
CA GLY C 152 6.24 -30.92 -15.15
C GLY C 152 6.31 -29.49 -14.66
N CYS C 153 6.89 -28.64 -15.50
CA CYS C 153 7.09 -27.23 -15.18
C CYS C 153 6.32 -26.35 -16.16
N VAL C 154 5.96 -25.16 -15.69
CA VAL C 154 5.19 -24.19 -16.47
C VAL C 154 6.01 -22.91 -16.53
N ILE C 155 6.66 -22.67 -17.65
CA ILE C 155 7.46 -21.46 -17.86
C ILE C 155 6.57 -20.41 -18.50
N ALA C 156 6.66 -19.18 -17.99
CA ALA C 156 5.85 -18.08 -18.52
C ALA C 156 6.61 -16.77 -18.33
N TRP C 157 6.68 -15.97 -19.39
CA TRP C 157 7.36 -14.69 -19.34
C TRP C 157 6.54 -13.64 -20.09
N ASN C 158 6.70 -12.39 -19.68
CA ASN C 158 6.01 -11.29 -20.33
C ASN C 158 6.54 -11.07 -21.74
N SER C 159 5.64 -10.67 -22.64
CA SER C 159 5.98 -10.43 -24.04
C SER C 159 5.19 -9.24 -24.55
N ASN C 160 5.24 -8.13 -23.83
CA ASN C 160 4.56 -6.92 -24.28
C ASN C 160 5.31 -6.25 -25.43
N ASN C 161 6.59 -6.56 -25.61
CA ASN C 161 7.36 -5.95 -26.69
C ASN C 161 7.02 -6.56 -28.04
N LEU C 162 6.59 -7.82 -28.07
CA LEU C 162 6.42 -8.56 -29.31
C LEU C 162 4.98 -8.83 -29.66
N ASP C 163 4.17 -9.28 -28.70
CA ASP C 163 2.82 -9.75 -28.97
C ASP C 163 1.75 -8.68 -28.81
N SER C 164 2.14 -7.42 -28.59
CA SER C 164 1.18 -6.33 -28.45
C SER C 164 1.57 -5.20 -29.38
N LYS C 165 0.59 -4.67 -30.10
CA LYS C 165 0.79 -3.57 -31.02
C LYS C 165 -0.01 -2.36 -30.56
N VAL C 166 0.39 -1.18 -31.06
CA VAL C 166 -0.22 0.06 -30.59
C VAL C 166 -1.66 0.18 -31.04
N GLY C 167 -1.94 -0.18 -32.30
CA GLY C 167 -3.31 -0.12 -32.79
C GLY C 167 -4.20 -1.18 -32.20
N GLY C 168 -3.62 -2.29 -31.77
CA GLY C 168 -4.38 -3.40 -31.23
C GLY C 168 -4.08 -4.71 -31.95
N ASN C 169 -3.35 -5.60 -31.29
CA ASN C 169 -2.98 -6.88 -31.89
C ASN C 169 -4.18 -7.83 -31.74
N TYR C 170 -5.07 -7.79 -32.72
CA TYR C 170 -6.21 -8.69 -32.76
C TYR C 170 -5.89 -10.01 -33.46
N ASN C 171 -4.61 -10.38 -33.54
CA ASN C 171 -4.20 -11.63 -34.16
C ASN C 171 -4.15 -12.80 -33.19
N TYR C 172 -4.12 -12.54 -31.89
CA TYR C 172 -4.16 -13.57 -30.87
C TYR C 172 -5.60 -13.74 -30.39
N LEU C 173 -6.07 -14.98 -30.32
CA LEU C 173 -7.45 -15.28 -29.98
C LEU C 173 -7.52 -16.27 -28.83
N TYR C 174 -8.70 -16.34 -28.21
CA TYR C 174 -8.99 -17.31 -27.17
C TYR C 174 -10.43 -17.77 -27.32
N ARG C 175 -10.70 -19.00 -26.91
CA ARG C 175 -12.03 -19.57 -27.06
C ARG C 175 -12.91 -19.12 -25.90
N LEU C 176 -13.93 -18.33 -26.20
CA LEU C 176 -14.83 -17.79 -25.18
C LEU C 176 -16.00 -18.71 -24.89
N PHE C 177 -16.57 -19.33 -25.90
CA PHE C 177 -17.76 -20.15 -25.77
C PHE C 177 -17.47 -21.58 -26.21
N ARG C 178 -17.96 -22.55 -25.43
CA ARG C 178 -17.84 -23.96 -25.76
C ARG C 178 -18.84 -24.74 -24.92
N LYS C 179 -19.36 -25.83 -25.50
CA LYS C 179 -20.37 -26.62 -24.81
C LYS C 179 -19.75 -27.51 -23.74
N SER C 180 -18.77 -28.32 -24.10
CA SER C 180 -18.12 -29.24 -23.18
C SER C 180 -16.73 -28.74 -22.82
N ASN C 181 -16.29 -29.06 -21.62
CA ASN C 181 -14.96 -28.66 -21.16
C ASN C 181 -13.88 -29.47 -21.86
N LEU C 182 -12.69 -28.89 -21.92
CA LEU C 182 -11.56 -29.55 -22.57
C LEU C 182 -10.95 -30.58 -21.62
N LYS C 183 -10.70 -31.77 -22.15
CA LYS C 183 -9.95 -32.77 -21.41
C LYS C 183 -8.48 -32.35 -21.34
N PRO C 184 -7.73 -32.89 -20.38
CA PRO C 184 -6.30 -32.55 -20.28
C PRO C 184 -5.56 -32.82 -21.58
N PHE C 185 -4.83 -31.81 -22.04
CA PHE C 185 -4.00 -31.89 -23.25
C PHE C 185 -4.87 -32.07 -24.50
N GLU C 186 -6.04 -31.44 -24.51
CA GLU C 186 -6.91 -31.47 -25.68
C GLU C 186 -6.83 -30.14 -26.42
N ARG C 187 -6.95 -30.21 -27.75
CA ARG C 187 -6.74 -29.07 -28.63
C ARG C 187 -7.92 -28.96 -29.59
N ASP C 188 -8.81 -28.01 -29.32
CA ASP C 188 -10.00 -27.79 -30.15
C ASP C 188 -9.79 -26.55 -31.00
N ILE C 189 -9.83 -26.73 -32.32
CA ILE C 189 -9.59 -25.63 -33.27
C ILE C 189 -10.79 -25.42 -34.18
N SER C 190 -11.98 -25.83 -33.74
CA SER C 190 -13.17 -25.68 -34.56
C SER C 190 -13.63 -24.23 -34.60
N THR C 191 -14.47 -23.93 -35.58
CA THR C 191 -15.10 -22.62 -35.72
C THR C 191 -16.61 -22.72 -35.70
N GLU C 192 -17.14 -23.70 -34.96
CA GLU C 192 -18.58 -23.89 -34.87
C GLU C 192 -19.26 -22.67 -34.27
N ILE C 193 -20.24 -22.13 -34.99
CA ILE C 193 -21.03 -21.01 -34.50
C ILE C 193 -21.76 -21.46 -33.23
N TYR C 194 -21.30 -20.99 -32.08
CA TYR C 194 -21.81 -21.46 -30.80
C TYR C 194 -23.28 -21.09 -30.64
N GLN C 195 -24.07 -22.04 -30.15
CA GLN C 195 -25.50 -21.85 -29.90
C GLN C 195 -25.74 -21.94 -28.40
N ALA C 196 -26.07 -20.81 -27.78
CA ALA C 196 -26.40 -20.75 -26.37
C ALA C 196 -27.88 -20.68 -26.10
N GLY C 197 -28.68 -20.20 -27.05
CA GLY C 197 -30.11 -20.08 -26.89
C GLY C 197 -30.87 -21.27 -27.46
N SER C 198 -32.19 -21.10 -27.52
CA SER C 198 -33.08 -22.15 -28.01
C SER C 198 -33.25 -22.14 -29.51
N THR C 199 -32.77 -21.11 -30.20
CA THR C 199 -32.88 -21.04 -31.66
C THR C 199 -31.63 -21.64 -32.28
N PRO C 200 -31.73 -22.76 -33.00
CA PRO C 200 -30.55 -23.35 -33.64
C PRO C 200 -29.97 -22.41 -34.69
N CYS C 201 -28.68 -22.13 -34.57
CA CYS C 201 -28.01 -21.20 -35.49
C CYS C 201 -27.72 -21.87 -36.83
N ASN C 202 -26.82 -22.87 -36.82
CA ASN C 202 -26.46 -23.63 -38.01
C ASN C 202 -25.92 -22.71 -39.10
N GLY C 203 -24.73 -22.18 -38.83
CA GLY C 203 -24.05 -21.32 -39.78
C GLY C 203 -24.28 -19.85 -39.55
N VAL C 204 -25.55 -19.44 -39.38
CA VAL C 204 -25.86 -18.04 -39.15
C VAL C 204 -25.36 -17.62 -37.78
N GLU C 205 -24.96 -16.36 -37.66
CA GLU C 205 -24.41 -15.86 -36.41
C GLU C 205 -25.27 -14.73 -35.85
N GLY C 206 -26.58 -14.92 -35.82
CA GLY C 206 -27.51 -13.93 -35.32
C GLY C 206 -27.50 -13.83 -33.81
N PHE C 207 -28.66 -13.51 -33.25
CA PHE C 207 -28.78 -13.37 -31.80
C PHE C 207 -28.67 -14.74 -31.13
N ASN C 208 -27.99 -14.77 -29.98
CA ASN C 208 -27.64 -16.02 -29.30
C ASN C 208 -26.89 -16.97 -30.23
N CYS C 209 -26.10 -16.40 -31.13
CA CYS C 209 -25.34 -17.16 -32.13
C CYS C 209 -24.00 -16.44 -32.29
N TYR C 210 -23.01 -16.86 -31.52
CA TYR C 210 -21.74 -16.15 -31.41
C TYR C 210 -20.60 -16.99 -32.00
N PHE C 211 -19.66 -16.31 -32.65
CA PHE C 211 -18.43 -16.96 -33.07
C PHE C 211 -17.58 -17.23 -31.83
N PRO C 212 -17.14 -18.47 -31.62
CA PRO C 212 -16.56 -18.82 -30.31
C PRO C 212 -15.20 -18.21 -30.04
N LEU C 213 -14.49 -17.74 -31.06
CA LEU C 213 -13.13 -17.22 -30.91
C LEU C 213 -13.16 -15.71 -30.77
N GLN C 214 -12.90 -15.21 -29.57
CA GLN C 214 -12.70 -13.80 -29.31
C GLN C 214 -11.21 -13.50 -29.27
N SER C 215 -10.85 -12.28 -29.66
CA SER C 215 -9.46 -11.88 -29.75
C SER C 215 -9.07 -11.01 -28.56
N TYR C 216 -7.81 -11.10 -28.17
CA TYR C 216 -7.26 -10.24 -27.13
C TYR C 216 -7.00 -8.84 -27.68
N GLY C 217 -7.12 -7.85 -26.80
CA GLY C 217 -6.81 -6.48 -27.18
C GLY C 217 -5.32 -6.29 -27.39
N PHE C 218 -4.55 -6.46 -26.31
CA PHE C 218 -3.09 -6.40 -26.33
C PHE C 218 -2.60 -5.04 -26.81
N GLN C 219 -2.81 -4.05 -25.94
CA GLN C 219 -2.27 -2.72 -26.08
C GLN C 219 -1.14 -2.52 -25.08
N PRO C 220 0.01 -2.00 -25.51
CA PRO C 220 1.18 -1.98 -24.60
C PRO C 220 0.98 -1.13 -23.36
N THR C 221 0.28 0.00 -23.45
CA THR C 221 0.25 0.96 -22.36
C THR C 221 -0.64 0.53 -21.18
N TYR C 222 -1.37 -0.58 -21.30
CA TYR C 222 -2.20 -1.02 -20.19
C TYR C 222 -1.35 -1.75 -19.14
N GLY C 223 -2.00 -2.10 -18.03
CA GLY C 223 -1.33 -2.78 -16.95
C GLY C 223 -0.84 -4.16 -17.36
N VAL C 224 -0.10 -4.78 -16.45
CA VAL C 224 0.54 -6.06 -16.74
C VAL C 224 -0.46 -7.21 -16.68
N GLY C 225 -1.52 -7.07 -15.89
CA GLY C 225 -2.58 -8.07 -15.91
C GLY C 225 -3.28 -8.18 -17.24
N TYR C 226 -3.19 -7.15 -18.09
CA TYR C 226 -3.80 -7.13 -19.41
C TYR C 226 -2.78 -7.28 -20.53
N GLN C 227 -1.52 -7.57 -20.19
CA GLN C 227 -0.47 -7.68 -21.21
C GLN C 227 -0.31 -9.12 -21.67
N PRO C 228 0.18 -9.32 -22.90
CA PRO C 228 0.43 -10.68 -23.37
C PRO C 228 1.58 -11.33 -22.62
N TYR C 229 1.40 -12.61 -22.28
CA TYR C 229 2.41 -13.40 -21.59
C TYR C 229 2.64 -14.69 -22.37
N ARG C 230 3.86 -14.90 -22.83
CA ARG C 230 4.21 -16.13 -23.54
C ARG C 230 4.46 -17.25 -22.54
N VAL C 231 3.80 -18.39 -22.76
CA VAL C 231 3.87 -19.53 -21.85
C VAL C 231 4.43 -20.72 -22.59
N VAL C 232 5.32 -21.46 -21.92
CA VAL C 232 5.85 -22.72 -22.43
C VAL C 232 5.69 -23.77 -21.35
N VAL C 233 4.95 -24.84 -21.65
CA VAL C 233 4.65 -25.89 -20.70
C VAL C 233 5.53 -27.10 -21.01
N LEU C 234 6.28 -27.54 -20.01
CA LEU C 234 7.16 -28.71 -20.15
C LEU C 234 6.51 -29.90 -19.47
N SER C 235 6.22 -30.93 -20.24
CA SER C 235 5.63 -32.16 -19.74
C SER C 235 6.64 -33.30 -19.88
N PHE C 236 6.78 -34.09 -18.82
CA PHE C 236 7.77 -35.16 -18.76
C PHE C 236 7.06 -36.49 -18.60
N GLU C 237 7.45 -37.48 -19.40
CA GLU C 237 6.86 -38.81 -19.34
C GLU C 237 7.95 -39.88 -19.23
#